data_4XZ1
#
_entry.id   4XZ1
#
_cell.length_a   52.944
_cell.length_b   61.105
_cell.length_c   53.451
_cell.angle_alpha   90.00
_cell.angle_beta   116.37
_cell.angle_gamma   90.00
#
_symmetry.space_group_name_H-M   'P 1 21 1'
#
loop_
_entity.id
_entity.type
_entity.pdbx_description
1 polymer 'Tyrosine-protein kinase ZAP-70'
2 polymer 'doubly phosphorylated ITAM peptide'
3 non-polymer 2-[(7-chloro-4-nitro-2,1,3-benzoxadiazol-5-yl)amino]ethanol
#
loop_
_entity_poly.entity_id
_entity_poly.type
_entity_poly.pdbx_seq_one_letter_code
_entity_poly.pdbx_strand_id
1 'polypeptide(L)'
;GPHMPDPAAHLPFFYGSISRAEAEEHLKLAGMADGLFLLRQCLRSLGGYVLSLVHDVRFHHFPIERQLNGTYAIAGGKAH
CGPAELCEFYSRDPDGLPCNLRKPCNRPSGLEPQPGVFDSLRDAMVRDYVRQTWKLEGEALEQAIISQAPQVEKLIATTA
HERMPWYHSSLTREEAERKLYSGAQTDGKFLLRPRKEQGTYALSLIYGKTVYHYLISQDKAGKYCIPEGTKFDTLWQLVE
YLKLKADGLIYCLKEACPNSSA
;
A
2 'polypeptide(L)' CGNQL(PTR)NELNLGRREE(PTR)DVLD B
#
# COMPACT_ATOMS: atom_id res chain seq x y z
N ASP A 6 -0.59 0.86 -17.12
CA ASP A 6 -1.53 1.24 -16.08
C ASP A 6 -2.73 1.95 -16.70
N PRO A 7 -3.95 1.60 -16.26
CA PRO A 7 -5.15 2.27 -16.81
C PRO A 7 -5.17 3.79 -16.60
N ALA A 8 -4.28 4.30 -15.76
CA ALA A 8 -4.25 5.73 -15.43
C ALA A 8 -2.97 6.40 -15.91
N ALA A 9 -2.06 5.63 -16.49
CA ALA A 9 -0.77 6.17 -16.93
C ALA A 9 -0.95 7.30 -17.93
N HIS A 10 -1.96 7.17 -18.79
CA HIS A 10 -2.22 8.14 -19.84
C HIS A 10 -2.74 9.46 -19.27
N LEU A 11 -3.37 9.38 -18.09
CA LEU A 11 -3.92 10.58 -17.45
C LEU A 11 -2.80 11.51 -17.02
N PRO A 12 -2.87 12.81 -17.41
CA PRO A 12 -1.76 13.73 -17.10
C PRO A 12 -1.66 14.07 -15.62
N PHE A 13 -2.72 13.82 -14.85
CA PHE A 13 -2.74 14.13 -13.42
C PHE A 13 -2.50 12.88 -12.59
N PHE A 14 -2.01 11.83 -13.23
CA PHE A 14 -1.64 10.60 -12.52
C PHE A 14 -0.15 10.64 -12.19
N TYR A 15 0.16 10.50 -10.90
CA TYR A 15 1.54 10.65 -10.43
C TYR A 15 2.19 9.34 -10.02
N GLY A 16 1.45 8.24 -10.14
CA GLY A 16 2.01 6.94 -9.78
C GLY A 16 2.17 6.77 -8.29
N SER A 17 3.17 5.99 -7.89
CA SER A 17 3.39 5.69 -6.47
C SER A 17 4.20 6.78 -5.77
N ILE A 18 3.55 7.91 -5.50
CA ILE A 18 4.15 8.95 -4.67
C ILE A 18 3.45 8.95 -3.32
N SER A 19 4.15 9.39 -2.29
CA SER A 19 3.59 9.43 -0.95
C SER A 19 2.65 10.62 -0.80
N ARG A 20 1.91 10.65 0.30
CA ARG A 20 1.01 11.75 0.59
C ARG A 20 1.77 13.06 0.68
N ALA A 21 2.98 13.01 1.24
CA ALA A 21 3.79 14.21 1.44
C ALA A 21 4.07 14.94 0.14
N GLU A 22 4.73 14.28 -0.79
CA GLU A 22 5.09 14.92 -2.05
C GLU A 22 3.85 15.16 -2.92
N ALA A 23 2.79 14.40 -2.69
CA ALA A 23 1.53 14.63 -3.37
C ALA A 23 1.00 16.02 -3.00
N GLU A 24 1.04 16.32 -1.71
CA GLU A 24 0.56 17.60 -1.22
C GLU A 24 1.47 18.75 -1.67
N GLU A 25 2.74 18.44 -1.89
CA GLU A 25 3.68 19.44 -2.41
C GLU A 25 3.31 19.89 -3.81
N HIS A 26 2.85 18.93 -4.63
CA HIS A 26 2.45 19.25 -6.00
C HIS A 26 1.18 20.09 -6.01
N LEU A 27 0.22 19.74 -5.15
CA LEU A 27 -1.01 20.50 -5.05
C LEU A 27 -0.74 21.92 -4.55
N LYS A 28 0.28 22.06 -3.72
CA LYS A 28 0.65 23.37 -3.19
C LYS A 28 1.28 24.24 -4.27
N LEU A 29 2.14 23.63 -5.08
CA LEU A 29 2.79 24.33 -6.16
C LEU A 29 1.81 24.73 -7.26
N ALA A 30 0.66 24.07 -7.30
CA ALA A 30 -0.28 24.24 -8.40
C ALA A 30 -1.40 25.25 -8.08
N GLY A 31 -1.37 25.83 -6.88
CA GLY A 31 -2.24 26.94 -6.54
C GLY A 31 -3.23 26.71 -5.40
N MET A 32 -3.41 25.46 -5.00
CA MET A 32 -4.32 25.14 -3.90
C MET A 32 -5.74 25.66 -4.12
N ALA A 33 -6.19 25.69 -5.37
CA ALA A 33 -7.55 26.12 -5.68
C ALA A 33 -8.55 25.03 -5.32
N ASP A 34 -9.76 25.43 -4.95
CA ASP A 34 -10.81 24.46 -4.64
C ASP A 34 -11.10 23.59 -5.85
N GLY A 35 -11.05 22.28 -5.66
CA GLY A 35 -11.29 21.32 -6.72
C GLY A 35 -10.02 20.88 -7.41
N LEU A 36 -8.90 21.50 -7.03
CA LEU A 36 -7.61 21.05 -7.53
C LEU A 36 -7.36 19.62 -7.06
N PHE A 37 -6.99 18.74 -7.97
CA PHE A 37 -6.84 17.33 -7.64
C PHE A 37 -5.79 16.61 -8.46
N LEU A 38 -5.37 15.45 -7.97
CA LEU A 38 -4.44 14.59 -8.69
C LEU A 38 -4.75 13.13 -8.35
N LEU A 39 -4.17 12.22 -9.11
CA LEU A 39 -4.38 10.80 -8.90
C LEU A 39 -3.05 10.12 -8.61
N ARG A 40 -3.05 9.19 -7.65
CA ARG A 40 -1.84 8.46 -7.30
C ARG A 40 -2.20 7.04 -6.87
N GLN A 41 -1.21 6.15 -6.90
CA GLN A 41 -1.41 4.74 -6.62
C GLN A 41 -1.57 4.48 -5.13
N CYS A 42 -2.54 3.64 -4.77
CA CYS A 42 -2.79 3.29 -3.38
C CYS A 42 -1.76 2.26 -2.92
N LEU A 43 -1.05 2.59 -1.85
CA LEU A 43 0.06 1.76 -1.39
C LEU A 43 -0.41 0.67 -0.42
N ARG A 44 -1.73 0.58 -0.21
CA ARG A 44 -2.29 -0.36 0.76
C ARG A 44 -3.09 -1.46 0.07
N SER A 45 -3.57 -1.18 -1.13
CA SER A 45 -4.36 -2.14 -1.90
C SER A 45 -3.74 -2.41 -3.26
N LEU A 46 -4.19 -3.49 -3.90
CA LEU A 46 -3.73 -3.85 -5.23
C LEU A 46 -4.61 -3.21 -6.29
N GLY A 47 -3.96 -2.54 -7.25
CA GLY A 47 -4.66 -1.94 -8.37
C GLY A 47 -5.58 -0.80 -7.98
N GLY A 48 -5.42 -0.30 -6.75
CA GLY A 48 -6.23 0.79 -6.25
C GLY A 48 -5.54 2.14 -6.43
N TYR A 49 -6.32 3.22 -6.26
CA TYR A 49 -5.80 4.57 -6.41
C TYR A 49 -6.19 5.43 -5.21
N VAL A 50 -5.67 6.66 -5.20
CA VAL A 50 -5.99 7.63 -4.16
C VAL A 50 -6.27 8.99 -4.80
N LEU A 51 -7.43 9.54 -4.49
CA LEU A 51 -7.83 10.85 -5.00
C LEU A 51 -7.43 11.95 -4.04
N SER A 52 -6.31 12.61 -4.34
CA SER A 52 -5.85 13.73 -3.53
C SER A 52 -6.52 15.03 -3.98
N LEU A 53 -7.19 15.70 -3.06
CA LEU A 53 -8.08 16.81 -3.38
C LEU A 53 -7.87 18.01 -2.46
N VAL A 54 -8.00 19.21 -3.02
CA VAL A 54 -7.84 20.45 -2.27
C VAL A 54 -9.17 21.19 -2.13
N HIS A 55 -9.54 21.49 -0.89
CA HIS A 55 -10.73 22.30 -0.62
C HIS A 55 -10.51 23.16 0.62
N ASP A 56 -10.78 24.45 0.50
CA ASP A 56 -10.56 25.40 1.58
C ASP A 56 -9.10 25.39 2.04
N VAL A 57 -8.20 25.23 1.07
CA VAL A 57 -6.76 25.19 1.35
C VAL A 57 -6.41 24.06 2.33
N ARG A 58 -7.10 22.93 2.18
CA ARG A 58 -6.85 21.76 3.01
C ARG A 58 -6.85 20.52 2.13
N PHE A 59 -6.01 19.54 2.49
CA PHE A 59 -5.88 18.33 1.70
C PHE A 59 -6.86 17.25 2.12
N HIS A 60 -7.53 16.67 1.15
CA HIS A 60 -8.46 15.56 1.35
C HIS A 60 -8.02 14.39 0.49
N HIS A 61 -7.79 13.24 1.13
CA HIS A 61 -7.32 12.04 0.43
C HIS A 61 -8.34 10.91 0.49
N PHE A 62 -8.94 10.59 -0.65
CA PHE A 62 -9.99 9.58 -0.74
C PHE A 62 -9.49 8.31 -1.42
N PRO A 63 -9.37 7.21 -0.67
CA PRO A 63 -8.98 5.94 -1.31
C PRO A 63 -9.98 5.46 -2.35
N ILE A 64 -9.47 4.98 -3.48
CA ILE A 64 -10.28 4.36 -4.51
C ILE A 64 -9.81 2.92 -4.66
N GLU A 65 -10.59 1.99 -4.11
CA GLU A 65 -10.22 0.58 -4.15
C GLU A 65 -10.90 -0.13 -5.32
N ARG A 66 -10.14 -0.98 -6.01
CA ARG A 66 -10.65 -1.73 -7.16
C ARG A 66 -11.53 -2.87 -6.68
N GLN A 67 -12.75 -2.91 -7.21
CA GLN A 67 -13.72 -3.94 -6.83
C GLN A 67 -13.36 -5.28 -7.43
N LEU A 68 -14.11 -6.31 -7.05
CA LEU A 68 -13.84 -7.67 -7.50
C LEU A 68 -14.09 -7.80 -9.01
N ASN A 69 -15.01 -6.99 -9.53
CA ASN A 69 -15.40 -7.07 -10.93
C ASN A 69 -14.68 -6.05 -11.82
N GLY A 70 -13.55 -5.54 -11.34
CA GLY A 70 -12.71 -4.67 -12.14
C GLY A 70 -13.14 -3.21 -12.19
N THR A 71 -14.12 -2.84 -11.38
CA THR A 71 -14.56 -1.45 -11.28
C THR A 71 -13.84 -0.75 -10.12
N TYR A 72 -14.02 0.57 -10.03
CA TYR A 72 -13.37 1.36 -9.00
C TYR A 72 -14.40 2.20 -8.23
N ALA A 73 -14.20 2.30 -6.92
CA ALA A 73 -15.13 3.04 -6.07
C ALA A 73 -14.46 3.52 -4.79
N ILE A 74 -14.90 4.68 -4.32
CA ILE A 74 -14.57 5.14 -2.97
C ILE A 74 -15.53 4.44 -2.02
N ALA A 75 -15.08 4.19 -0.79
CA ALA A 75 -15.90 3.51 0.19
C ALA A 75 -17.24 4.24 0.38
N GLY A 76 -18.33 3.50 0.15
CA GLY A 76 -19.67 4.06 0.30
C GLY A 76 -20.02 5.02 -0.82
N GLY A 77 -19.53 4.72 -2.01
CA GLY A 77 -19.77 5.55 -3.18
C GLY A 77 -20.04 4.72 -4.42
N LYS A 78 -20.52 5.37 -5.47
CA LYS A 78 -20.87 4.68 -6.71
C LYS A 78 -19.62 4.13 -7.39
N ALA A 79 -19.79 3.06 -8.16
CA ALA A 79 -18.68 2.43 -8.87
C ALA A 79 -18.52 3.05 -10.26
N HIS A 80 -17.31 2.92 -10.81
CA HIS A 80 -16.99 3.44 -12.13
C HIS A 80 -16.08 2.46 -12.85
N CYS A 81 -16.08 2.50 -14.19
CA CYS A 81 -15.36 1.54 -14.96
C CYS A 81 -13.88 1.78 -15.01
N GLY A 82 -13.45 2.98 -14.61
CA GLY A 82 -12.04 3.31 -14.61
C GLY A 82 -11.74 4.61 -13.90
N PRO A 83 -10.46 4.95 -13.76
CA PRO A 83 -10.04 6.21 -13.14
C PRO A 83 -10.48 7.41 -13.99
N ALA A 84 -10.44 7.23 -15.31
CA ALA A 84 -10.85 8.27 -16.24
C ALA A 84 -12.32 8.59 -16.06
N GLU A 85 -13.14 7.55 -15.94
CA GLU A 85 -14.58 7.73 -15.80
C GLU A 85 -14.91 8.36 -14.45
N LEU A 86 -14.33 7.80 -13.39
CA LEU A 86 -14.56 8.28 -12.02
C LEU A 86 -14.31 9.77 -11.88
N CYS A 87 -13.17 10.22 -12.38
CA CYS A 87 -12.82 11.63 -12.30
C CYS A 87 -13.74 12.47 -13.19
N GLU A 88 -14.18 11.90 -14.30
CA GLU A 88 -15.10 12.57 -15.20
C GLU A 88 -16.44 12.75 -14.49
N PHE A 89 -16.85 11.74 -13.74
CA PHE A 89 -18.09 11.79 -12.98
C PHE A 89 -18.04 12.87 -11.91
N TYR A 90 -17.08 12.76 -11.01
CA TYR A 90 -16.99 13.66 -9.87
C TYR A 90 -16.70 15.10 -10.28
N SER A 91 -16.30 15.31 -11.54
CA SER A 91 -16.09 16.66 -12.06
C SER A 91 -17.40 17.43 -12.18
N ARG A 92 -18.52 16.70 -12.14
CA ARG A 92 -19.85 17.29 -12.36
C ARG A 92 -20.80 17.00 -11.21
N ASP A 93 -20.42 16.07 -10.34
CA ASP A 93 -21.22 15.73 -9.17
C ASP A 93 -20.30 15.38 -8.00
N PRO A 94 -20.17 16.28 -7.01
CA PRO A 94 -19.30 15.95 -5.87
C PRO A 94 -19.73 14.67 -5.17
N ASP A 95 -21.05 14.51 -5.00
CA ASP A 95 -21.65 13.28 -4.49
C ASP A 95 -20.90 12.71 -3.27
N GLY A 96 -20.51 13.60 -2.37
CA GLY A 96 -19.83 13.20 -1.14
C GLY A 96 -18.60 14.03 -0.88
N LEU A 97 -17.90 14.40 -1.94
CA LEU A 97 -16.67 15.19 -1.82
C LEU A 97 -16.98 16.59 -1.29
N PRO A 98 -15.96 17.28 -0.76
CA PRO A 98 -16.14 18.67 -0.32
C PRO A 98 -16.56 19.58 -1.48
N CYS A 99 -16.19 19.17 -2.68
CA CYS A 99 -16.58 19.88 -3.90
C CYS A 99 -16.22 19.02 -5.11
N ASN A 100 -16.66 19.45 -6.29
CA ASN A 100 -16.36 18.71 -7.51
C ASN A 100 -14.91 18.87 -7.92
N LEU A 101 -14.43 17.99 -8.78
CA LEU A 101 -13.09 18.11 -9.34
C LEU A 101 -13.10 19.16 -10.44
N ARG A 102 -12.49 20.31 -10.15
CA ARG A 102 -12.58 21.47 -11.04
C ARG A 102 -11.36 21.64 -11.95
N LYS A 103 -10.16 21.45 -11.41
CA LYS A 103 -8.92 21.70 -12.13
C LYS A 103 -7.89 20.60 -11.88
N PRO A 104 -7.46 19.89 -12.95
CA PRO A 104 -6.50 18.81 -12.73
C PRO A 104 -5.08 19.32 -12.48
N CYS A 105 -4.42 18.71 -11.50
CA CYS A 105 -3.04 19.06 -11.16
C CYS A 105 -2.09 18.25 -12.04
N ASN A 106 -1.93 18.68 -13.28
CA ASN A 106 -1.12 17.96 -14.26
C ASN A 106 0.35 17.84 -13.87
N ARG A 107 0.97 16.74 -14.25
CA ARG A 107 2.39 16.52 -14.00
C ARG A 107 3.23 17.57 -14.72
N PRO A 108 4.32 18.03 -14.08
CA PRO A 108 5.24 18.95 -14.78
C PRO A 108 5.79 18.34 -16.06
N SER A 109 6.19 19.19 -17.00
CA SER A 109 6.72 18.73 -18.28
C SER A 109 7.98 17.91 -18.07
N GLY A 110 8.02 16.73 -18.68
CA GLY A 110 9.17 15.84 -18.58
C GLY A 110 9.00 14.79 -17.49
N LEU A 111 8.23 15.13 -16.47
CA LEU A 111 8.02 14.22 -15.34
C LEU A 111 6.98 13.16 -15.69
N GLU A 112 7.32 11.90 -15.42
CA GLU A 112 6.43 10.77 -15.68
C GLU A 112 5.99 10.16 -14.36
N PRO A 113 4.95 9.32 -14.38
CA PRO A 113 4.46 8.68 -13.15
C PRO A 113 5.56 7.93 -12.38
N GLN A 114 5.59 8.11 -11.06
CA GLN A 114 6.59 7.48 -10.22
C GLN A 114 6.42 5.96 -10.20
N PRO A 115 7.44 5.22 -10.66
CA PRO A 115 7.33 3.75 -10.60
C PRO A 115 7.25 3.24 -9.16
N GLY A 116 6.39 2.26 -8.93
CA GLY A 116 6.15 1.74 -7.60
C GLY A 116 7.14 0.65 -7.17
N VAL A 117 7.43 0.62 -5.88
CA VAL A 117 8.33 -0.36 -5.30
C VAL A 117 7.76 -1.77 -5.40
N PHE A 118 6.51 -1.92 -4.99
CA PHE A 118 5.87 -3.23 -4.95
C PHE A 118 5.69 -3.79 -6.36
N ASP A 119 5.19 -2.97 -7.27
CA ASP A 119 4.91 -3.40 -8.63
C ASP A 119 6.18 -3.88 -9.35
N SER A 120 7.31 -3.27 -9.03
CA SER A 120 8.58 -3.69 -9.61
C SER A 120 9.05 -4.99 -8.97
N LEU A 121 8.76 -5.15 -7.68
CA LEU A 121 9.09 -6.38 -6.97
C LEU A 121 8.27 -7.54 -7.52
N ARG A 122 6.99 -7.29 -7.78
CA ARG A 122 6.10 -8.31 -8.32
C ARG A 122 6.56 -8.71 -9.72
N ASP A 123 6.94 -7.72 -10.50
CA ASP A 123 7.41 -7.94 -11.86
C ASP A 123 8.59 -8.90 -11.89
N ALA A 124 9.51 -8.74 -10.95
CA ALA A 124 10.72 -9.55 -10.89
C ALA A 124 10.42 -10.94 -10.35
N MET A 125 9.48 -11.03 -9.42
CA MET A 125 9.10 -12.32 -8.84
C MET A 125 8.36 -13.19 -9.86
N VAL A 126 7.51 -12.57 -10.66
CA VAL A 126 6.79 -13.29 -11.71
C VAL A 126 7.78 -13.86 -12.72
N ARG A 127 8.67 -13.00 -13.20
CA ARG A 127 9.67 -13.42 -14.19
C ARG A 127 10.56 -14.51 -13.61
N ASP A 128 10.79 -14.46 -12.30
CA ASP A 128 11.62 -15.46 -11.64
C ASP A 128 10.87 -16.79 -11.52
N TYR A 129 9.56 -16.72 -11.32
CA TYR A 129 8.73 -17.91 -11.22
C TYR A 129 8.73 -18.67 -12.52
N VAL A 130 8.48 -17.96 -13.62
CA VAL A 130 8.42 -18.57 -14.94
C VAL A 130 9.78 -19.12 -15.34
N ARG A 131 10.85 -18.47 -14.88
CA ARG A 131 12.21 -18.89 -15.21
C ARG A 131 12.50 -20.28 -14.65
N GLN A 132 12.35 -20.43 -13.33
CA GLN A 132 12.73 -21.67 -12.65
C GLN A 132 11.73 -22.80 -12.90
N THR A 133 10.49 -22.43 -13.21
CA THR A 133 9.44 -23.43 -13.42
C THR A 133 9.52 -24.04 -14.82
N TRP A 134 9.52 -23.19 -15.85
CA TRP A 134 9.46 -23.66 -17.24
C TRP A 134 10.79 -23.49 -17.99
N LYS A 135 11.83 -23.03 -17.29
CA LYS A 135 13.18 -22.98 -17.85
C LYS A 135 13.24 -22.21 -19.16
N LEU A 136 12.80 -20.95 -19.13
CA LEU A 136 12.73 -20.11 -20.33
C LEU A 136 13.69 -18.93 -20.25
N GLU A 137 14.05 -18.39 -21.41
CA GLU A 137 14.99 -17.28 -21.49
C GLU A 137 14.62 -16.33 -22.61
N GLY A 138 15.26 -15.17 -22.65
CA GLY A 138 15.07 -14.20 -23.71
C GLY A 138 13.62 -13.81 -23.91
N GLU A 139 13.24 -13.56 -25.16
CA GLU A 139 11.88 -13.17 -25.48
C GLU A 139 10.89 -14.31 -25.28
N ALA A 140 11.40 -15.54 -25.29
CA ALA A 140 10.56 -16.71 -25.05
C ALA A 140 10.05 -16.71 -23.61
N LEU A 141 10.77 -16.02 -22.74
CA LEU A 141 10.35 -15.83 -21.36
C LEU A 141 9.38 -14.66 -21.25
N GLU A 142 9.68 -13.59 -21.97
CA GLU A 142 8.86 -12.38 -21.92
C GLU A 142 7.47 -12.65 -22.47
N GLN A 143 7.38 -13.52 -23.47
CA GLN A 143 6.09 -13.89 -24.04
C GLN A 143 5.27 -14.76 -23.09
N ALA A 144 5.97 -15.63 -22.36
CA ALA A 144 5.32 -16.53 -21.42
C ALA A 144 4.72 -15.75 -20.25
N ILE A 145 5.33 -14.63 -19.90
CA ILE A 145 4.88 -13.82 -18.78
C ILE A 145 3.54 -13.15 -19.08
N ILE A 146 3.30 -12.84 -20.34
CA ILE A 146 2.05 -12.22 -20.76
C ILE A 146 0.86 -13.12 -20.48
N SER A 147 1.01 -14.40 -20.79
CA SER A 147 -0.06 -15.37 -20.62
C SER A 147 -0.13 -15.92 -19.19
N GLN A 148 1.04 -16.08 -18.57
CA GLN A 148 1.12 -16.67 -17.23
C GLN A 148 1.17 -15.61 -16.13
N ALA A 149 0.41 -14.52 -16.31
CA ALA A 149 0.27 -13.52 -15.27
C ALA A 149 -1.21 -13.14 -15.00
N PRO A 150 -2.09 -14.13 -14.79
CA PRO A 150 -3.42 -13.79 -14.30
C PRO A 150 -3.58 -14.07 -12.81
N GLN A 151 -3.54 -15.33 -12.43
CA GLN A 151 -3.74 -15.75 -11.04
C GLN A 151 -2.46 -15.61 -10.24
N VAL A 152 -1.35 -16.08 -10.82
CA VAL A 152 -0.08 -16.09 -10.12
C VAL A 152 0.36 -14.67 -9.76
N GLU A 153 -0.05 -13.71 -10.58
CA GLU A 153 0.20 -12.30 -10.29
C GLU A 153 -0.42 -11.92 -8.95
N LYS A 154 -1.60 -12.47 -8.69
CA LYS A 154 -2.32 -12.21 -7.45
C LYS A 154 -1.74 -13.07 -6.32
N LEU A 155 -1.26 -14.25 -6.68
CA LEU A 155 -0.73 -15.19 -5.70
C LEU A 155 0.64 -14.76 -5.20
N ILE A 156 1.47 -14.23 -6.09
CA ILE A 156 2.80 -13.79 -5.73
C ILE A 156 2.74 -12.54 -4.85
N ALA A 157 1.75 -11.69 -5.09
CA ALA A 157 1.55 -10.50 -4.28
C ALA A 157 1.20 -10.84 -2.84
N THR A 158 0.27 -11.76 -2.67
CA THR A 158 -0.20 -12.15 -1.35
C THR A 158 0.89 -12.90 -0.57
N THR A 159 1.77 -13.58 -1.30
CA THR A 159 2.81 -14.40 -0.69
C THR A 159 4.20 -13.77 -0.79
N ALA A 160 4.25 -12.47 -1.09
CA ALA A 160 5.51 -11.77 -1.23
C ALA A 160 6.29 -11.79 0.09
N HIS A 161 5.58 -11.57 1.19
CA HIS A 161 6.18 -11.55 2.52
C HIS A 161 6.85 -12.87 2.86
N GLU A 162 6.30 -13.95 2.31
CA GLU A 162 6.75 -15.30 2.64
C GLU A 162 8.20 -15.55 2.22
N ARG A 163 8.72 -14.67 1.36
CA ARG A 163 10.09 -14.78 0.85
C ARG A 163 10.97 -13.66 1.40
N MET A 164 10.44 -12.88 2.33
CA MET A 164 11.14 -11.72 2.85
C MET A 164 12.01 -12.05 4.05
N PRO A 165 13.13 -11.32 4.24
CA PRO A 165 14.03 -11.57 5.37
C PRO A 165 13.35 -11.43 6.73
N TRP A 166 12.65 -10.32 6.93
CA TRP A 166 12.02 -10.04 8.22
C TRP A 166 10.93 -11.04 8.59
N TYR A 167 10.52 -11.87 7.65
CA TYR A 167 9.49 -12.87 7.92
C TYR A 167 10.09 -14.17 8.46
N HIS A 168 9.57 -14.61 9.60
CA HIS A 168 10.02 -15.85 10.24
C HIS A 168 8.89 -16.88 10.24
N SER A 169 9.22 -18.09 9.83
CA SER A 169 8.22 -19.10 9.47
C SER A 169 7.44 -19.68 10.66
N SER A 170 8.14 -20.07 11.72
CA SER A 170 7.52 -20.77 12.84
C SER A 170 8.16 -20.42 14.19
N LEU A 171 8.05 -19.15 14.57
CA LEU A 171 8.63 -18.66 15.81
C LEU A 171 7.56 -18.21 16.80
N THR A 172 7.75 -18.56 18.06
CA THR A 172 6.86 -18.12 19.13
C THR A 172 7.34 -16.77 19.65
N ARG A 173 6.63 -16.24 20.65
CA ARG A 173 6.95 -14.93 21.20
C ARG A 173 8.33 -14.93 21.86
N GLU A 174 8.63 -16.00 22.59
CA GLU A 174 9.90 -16.12 23.29
C GLU A 174 11.06 -16.26 22.31
N GLU A 175 10.89 -17.09 21.29
CA GLU A 175 11.92 -17.31 20.29
C GLU A 175 12.27 -16.00 19.59
N ALA A 176 11.25 -15.17 19.38
CA ALA A 176 11.44 -13.88 18.72
C ALA A 176 12.25 -12.93 19.59
N GLU A 177 11.84 -12.80 20.84
CA GLU A 177 12.46 -11.83 21.76
C GLU A 177 13.93 -12.14 22.04
N ARG A 178 14.31 -13.41 21.90
CA ARG A 178 15.66 -13.83 22.26
C ARG A 178 16.72 -13.16 21.39
N LYS A 179 16.70 -13.47 20.09
CA LYS A 179 17.73 -12.94 19.19
C LYS A 179 17.44 -11.50 18.79
N LEU A 180 16.22 -11.04 19.01
CA LEU A 180 15.86 -9.65 18.72
C LEU A 180 16.80 -8.70 19.45
N TYR A 181 17.01 -8.96 20.73
CA TYR A 181 17.93 -8.17 21.54
C TYR A 181 19.38 -8.46 21.12
N SER A 182 19.70 -9.72 20.91
CA SER A 182 21.05 -10.12 20.53
C SER A 182 21.39 -9.64 19.13
N GLY A 183 21.90 -8.42 19.04
CA GLY A 183 22.27 -7.82 17.78
C GLY A 183 22.71 -6.39 17.94
N ALA A 184 22.20 -5.51 17.08
CA ALA A 184 22.53 -4.09 17.14
C ALA A 184 21.65 -3.37 18.16
N GLN A 185 20.53 -3.99 18.53
CA GLN A 185 19.57 -3.40 19.46
C GLN A 185 19.09 -2.03 18.97
N THR A 186 19.16 -1.81 17.67
CA THR A 186 18.77 -0.54 17.09
C THR A 186 17.25 -0.37 17.08
N ASP A 187 16.81 0.89 17.12
CA ASP A 187 15.38 1.20 17.10
C ASP A 187 14.80 0.89 15.73
N GLY A 188 13.66 0.21 15.72
CA GLY A 188 12.95 -0.10 14.49
C GLY A 188 13.23 -1.49 13.95
N LYS A 189 14.24 -2.16 14.50
CA LYS A 189 14.57 -3.51 14.07
C LYS A 189 13.40 -4.44 14.38
N PHE A 190 12.82 -5.01 13.33
CA PHE A 190 11.57 -5.75 13.46
C PHE A 190 11.61 -7.13 12.81
N LEU A 191 10.47 -7.83 12.88
CA LEU A 191 10.28 -9.08 12.16
C LEU A 191 8.79 -9.42 12.12
N LEU A 192 8.40 -10.30 11.20
CA LEU A 192 7.02 -10.76 11.10
C LEU A 192 6.97 -12.28 11.24
N ARG A 193 5.85 -12.79 11.76
CA ARG A 193 5.70 -14.22 11.99
C ARG A 193 4.23 -14.62 12.09
N PRO A 194 3.91 -15.86 11.71
CA PRO A 194 2.52 -16.35 11.79
C PRO A 194 2.14 -16.81 13.20
N ARG A 195 0.86 -17.02 13.43
CA ARG A 195 0.36 -17.40 14.74
C ARG A 195 -0.60 -18.60 14.68
N LYS A 196 -1.08 -19.00 15.84
CA LYS A 196 -1.88 -20.22 15.98
C LYS A 196 -3.24 -20.10 15.32
N GLU A 197 -3.83 -18.91 15.33
CA GLU A 197 -5.17 -18.72 14.77
C GLU A 197 -5.16 -18.71 13.23
N GLN A 198 -4.04 -19.10 12.64
CA GLN A 198 -3.94 -19.29 11.19
C GLN A 198 -4.04 -17.96 10.43
N GLY A 199 -5.18 -17.28 10.56
CA GLY A 199 -5.41 -16.04 9.85
C GLY A 199 -4.84 -14.82 10.56
N THR A 200 -3.85 -15.04 11.42
CA THR A 200 -3.24 -13.96 12.18
C THR A 200 -1.72 -14.04 12.16
N TYR A 201 -1.08 -12.89 12.34
CA TYR A 201 0.37 -12.78 12.36
C TYR A 201 0.79 -11.83 13.47
N ALA A 202 2.09 -11.78 13.76
CA ALA A 202 2.60 -10.93 14.85
C ALA A 202 3.81 -10.11 14.39
N LEU A 203 3.70 -8.80 14.56
CA LEU A 203 4.79 -7.87 14.24
C LEU A 203 5.58 -7.54 15.49
N SER A 204 6.83 -8.02 15.54
CA SER A 204 7.70 -7.81 16.69
C SER A 204 8.84 -6.85 16.35
N LEU A 205 9.09 -5.89 17.23
CA LEU A 205 10.15 -4.91 17.02
C LEU A 205 10.71 -4.39 18.34
N ILE A 206 11.90 -3.81 18.28
CA ILE A 206 12.54 -3.19 19.44
C ILE A 206 12.48 -1.68 19.31
N TYR A 207 12.32 -0.99 20.44
CA TYR A 207 12.38 0.46 20.48
C TYR A 207 12.91 0.96 21.81
N GLY A 208 14.15 1.43 21.80
CA GLY A 208 14.75 2.05 22.97
C GLY A 208 15.04 1.09 24.10
N LYS A 209 14.01 0.40 24.58
CA LYS A 209 14.13 -0.45 25.76
C LYS A 209 13.48 -1.82 25.57
N THR A 210 12.20 -1.83 25.20
CA THR A 210 11.39 -3.04 25.23
C THR A 210 11.10 -3.60 23.83
N VAL A 211 10.91 -4.92 23.77
CA VAL A 211 10.38 -5.57 22.58
C VAL A 211 8.87 -5.44 22.58
N TYR A 212 8.32 -4.79 21.55
CA TYR A 212 6.88 -4.65 21.40
C TYR A 212 6.34 -5.74 20.49
N HIS A 213 5.06 -6.03 20.64
CA HIS A 213 4.39 -7.04 19.81
C HIS A 213 2.99 -6.55 19.42
N TYR A 214 2.73 -6.52 18.12
CA TYR A 214 1.46 -6.05 17.59
C TYR A 214 0.70 -7.17 16.87
N LEU A 215 -0.50 -7.46 17.33
CA LEU A 215 -1.31 -8.52 16.76
C LEU A 215 -1.88 -8.11 15.40
N ILE A 216 -1.57 -8.90 14.38
CA ILE A 216 -2.11 -8.68 13.04
C ILE A 216 -3.13 -9.77 12.72
N SER A 217 -4.32 -9.35 12.31
CA SER A 217 -5.42 -10.25 11.98
C SER A 217 -6.01 -9.84 10.63
N GLN A 218 -6.54 -10.81 9.89
CA GLN A 218 -7.17 -10.51 8.62
C GLN A 218 -8.68 -10.80 8.67
N ASP A 219 -9.45 -9.80 8.26
CA ASP A 219 -10.89 -9.93 8.11
C ASP A 219 -11.18 -10.36 6.69
N LYS A 220 -12.08 -11.32 6.50
CA LYS A 220 -12.37 -11.81 5.15
C LYS A 220 -12.94 -10.68 4.30
N ALA A 221 -12.66 -10.78 3.00
CA ALA A 221 -12.40 -9.64 2.11
C ALA A 221 -10.90 -9.72 1.87
N GLY A 222 -10.21 -10.33 2.82
CA GLY A 222 -8.83 -10.75 2.65
C GLY A 222 -7.82 -9.70 3.09
N LYS A 223 -8.26 -8.73 3.88
CA LYS A 223 -7.42 -7.59 4.24
C LYS A 223 -6.84 -7.67 5.64
N TYR A 224 -5.51 -7.59 5.71
CA TYR A 224 -4.79 -7.67 6.98
C TYR A 224 -4.78 -6.31 7.69
N CYS A 225 -4.78 -6.34 9.02
CA CYS A 225 -4.72 -5.11 9.79
C CYS A 225 -4.48 -5.39 11.27
N ILE A 226 -3.97 -4.38 11.96
CA ILE A 226 -3.89 -4.39 13.42
C ILE A 226 -5.21 -3.81 13.94
N PRO A 227 -5.74 -4.37 15.04
CA PRO A 227 -7.02 -3.87 15.60
C PRO A 227 -7.09 -2.35 15.70
N GLU A 228 -8.13 -1.77 15.10
CA GLU A 228 -8.30 -0.33 15.03
C GLU A 228 -7.11 0.32 14.32
N GLY A 229 -6.73 -0.26 13.18
CA GLY A 229 -5.63 0.24 12.39
C GLY A 229 -5.92 0.21 10.90
N THR A 230 -4.94 0.61 10.10
CA THR A 230 -5.10 0.64 8.65
C THR A 230 -5.15 -0.78 8.09
N LYS A 231 -5.96 -0.97 7.04
CA LYS A 231 -6.13 -2.28 6.42
C LYS A 231 -5.38 -2.39 5.09
N PHE A 232 -4.72 -3.52 4.89
CA PHE A 232 -3.91 -3.76 3.69
C PHE A 232 -4.37 -5.03 2.98
N ASP A 233 -4.05 -5.13 1.68
CA ASP A 233 -4.41 -6.31 0.90
C ASP A 233 -3.37 -7.41 1.03
N THR A 234 -2.15 -7.04 1.38
CA THR A 234 -1.07 -8.00 1.56
C THR A 234 -0.20 -7.60 2.74
N LEU A 235 0.47 -8.58 3.34
CA LEU A 235 1.33 -8.33 4.49
C LEU A 235 2.57 -7.54 4.08
N TRP A 236 2.99 -7.71 2.84
CA TRP A 236 4.15 -6.98 2.33
C TRP A 236 3.87 -5.48 2.33
N GLN A 237 2.72 -5.11 1.78
CA GLN A 237 2.31 -3.71 1.75
C GLN A 237 2.16 -3.15 3.16
N LEU A 238 1.70 -3.99 4.07
CA LEU A 238 1.53 -3.58 5.46
C LEU A 238 2.87 -3.16 6.07
N VAL A 239 3.85 -4.05 5.97
CA VAL A 239 5.18 -3.80 6.53
C VAL A 239 5.84 -2.59 5.88
N GLU A 240 5.63 -2.42 4.57
CA GLU A 240 6.27 -1.34 3.84
C GLU A 240 5.63 0.01 4.15
N TYR A 241 4.34 0.00 4.49
CA TYR A 241 3.63 1.23 4.81
C TYR A 241 4.13 1.76 6.16
N LEU A 242 4.37 0.85 7.08
CA LEU A 242 4.78 1.22 8.43
C LEU A 242 6.28 1.49 8.53
N LYS A 243 6.95 1.54 7.39
CA LYS A 243 8.36 1.91 7.33
C LYS A 243 8.52 3.43 7.25
N LEU A 244 7.61 4.06 6.52
CA LEU A 244 7.64 5.51 6.33
C LEU A 244 6.61 6.21 7.21
N LYS A 245 5.36 5.74 7.17
CA LYS A 245 4.31 6.31 8.02
C LYS A 245 4.35 5.65 9.39
N ALA A 246 4.27 6.47 10.44
CA ALA A 246 4.24 5.96 11.81
C ALA A 246 3.01 5.08 12.01
N ASP A 247 1.84 5.71 11.95
CA ASP A 247 0.56 5.01 11.94
C ASP A 247 0.36 4.10 13.16
N GLY A 248 0.30 4.71 14.34
CA GLY A 248 -0.06 3.99 15.55
C GLY A 248 1.10 3.40 16.32
N LEU A 249 2.09 2.88 15.62
CA LEU A 249 3.25 2.26 16.27
C LEU A 249 4.01 3.27 17.13
N ILE A 250 4.72 2.75 18.12
CA ILE A 250 5.56 3.59 18.96
C ILE A 250 6.74 4.11 18.14
N TYR A 251 7.13 3.35 17.12
CA TYR A 251 8.26 3.69 16.28
C TYR A 251 8.16 2.93 14.96
N CYS A 252 8.30 3.65 13.85
CA CYS A 252 8.16 3.06 12.52
C CYS A 252 9.26 2.03 12.27
N LEU A 253 8.96 1.05 11.42
CA LEU A 253 9.89 -0.03 11.13
C LEU A 253 11.11 0.49 10.36
N LYS A 254 12.24 -0.19 10.53
CA LYS A 254 13.50 0.27 9.94
C LYS A 254 14.33 -0.88 9.35
N GLU A 255 14.83 -1.76 10.20
CA GLU A 255 15.71 -2.86 9.77
C GLU A 255 15.13 -4.24 10.09
N ALA A 256 15.63 -5.25 9.39
CA ALA A 256 15.09 -6.61 9.50
C ALA A 256 16.08 -7.57 10.16
N CYS A 257 15.54 -8.71 10.60
CA CYS A 257 16.34 -9.79 11.17
C CYS A 257 16.69 -10.81 10.09
N PRO A 258 17.65 -11.72 10.38
CA PRO A 258 18.03 -12.74 9.39
C PRO A 258 16.86 -13.60 8.91
N ASN A 259 17.03 -14.26 7.76
CA ASN A 259 16.00 -15.10 7.18
C ASN A 259 15.49 -16.16 8.14
N LEU B 5 -0.76 -10.10 26.00
CA LEU B 5 0.15 -9.02 26.36
C LEU B 5 0.55 -8.23 25.11
N ASN B 7 0.42 -5.09 22.41
CA ASN B 7 0.38 -3.63 22.58
C ASN B 7 -0.72 -2.97 21.77
N GLU B 8 -1.49 -2.11 22.45
CA GLU B 8 -2.56 -1.36 21.79
C GLU B 8 -1.96 -0.24 20.94
N LEU B 9 -2.52 -0.02 19.77
CA LEU B 9 -2.05 1.04 18.89
C LEU B 9 -2.41 2.41 19.42
N ASN B 10 -1.55 3.38 19.14
CA ASN B 10 -1.84 4.77 19.48
C ASN B 10 -2.93 5.31 18.56
N LEU B 11 -4.14 5.41 19.09
CA LEU B 11 -5.29 5.82 18.29
C LEU B 11 -5.19 7.27 17.83
N GLY B 12 -4.22 8.01 18.34
CA GLY B 12 -4.06 9.42 18.04
C GLY B 12 -3.05 9.73 16.96
N ARG B 13 -2.32 8.71 16.51
CA ARG B 13 -1.29 8.89 15.49
C ARG B 13 -1.52 8.03 14.25
N ARG B 14 -2.69 7.39 14.18
CA ARG B 14 -3.06 6.64 12.99
C ARG B 14 -3.22 7.61 11.82
N GLU B 15 -2.76 7.21 10.64
CA GLU B 15 -2.93 8.02 9.44
C GLU B 15 -4.38 7.95 8.98
N GLU B 16 -5.02 9.11 8.91
CA GLU B 16 -6.45 9.20 8.63
C GLU B 16 -6.70 9.55 7.17
N ASP B 18 -9.83 10.47 4.22
CA ASP B 18 -11.15 11.09 4.17
C ASP B 18 -12.19 10.13 3.60
N VAL B 19 -13.46 10.45 3.83
CA VAL B 19 -14.56 9.60 3.38
C VAL B 19 -15.72 10.44 2.84
N LEU B 20 -16.64 9.77 2.15
CA LEU B 20 -17.81 10.43 1.60
C LEU B 20 -18.87 10.66 2.69
N ASP B 21 -20.02 11.20 2.28
CA ASP B 21 -21.13 11.44 3.20
C ASP B 21 -22.31 10.52 2.89
#